data_7A15
#
_entry.id   7A15
#
_cell.length_a   89.282
_cell.length_b   100.820
_cell.length_c   99.411
_cell.angle_alpha   90.000
_cell.angle_beta   90.000
_cell.angle_gamma   90.000
#
_symmetry.space_group_name_H-M   'C 2 2 21'
#
loop_
_entity.id
_entity.type
_entity.pdbx_description
1 polymer 'Methionine aminopeptidase 2'
2 non-polymer 'PHOSPHATE ION'
3 non-polymer 5-chloranyl-6-fluoranyl-3-(4-piperazin-1-yl-2-propan-2-yloxy-phenyl)-1~{H}-indole-2-carboxamide
4 non-polymer 'MANGANESE (II) ION'
5 water water
#
_entity_poly.entity_id   1
_entity_poly.type   'polypeptide(L)'
_entity_poly.pdbx_seq_one_letter_code
;GPKVQTDPPSVPICDLYPNGVFPKGQECEYPPTQDGRTAAWRTTSEEKKALDQASEEIWNDFREAAEAHRQVRKYVMSWI
KPGMTMIEICEKLEDCSRKLIKENGLNAGLAFPTGCSLNNCAAHYTPNAGDTTVLQYDDICKIDFGTHISGRIIDCAFTV
TFNPKYDTLLKAVKDATNTGIKCAGIDVRLCDVGEAIQEVMESYEVEIDGKTYQVKPIRNLNGHSIGQYRIHAGKTVPIV
KGGEATRMEEGEVYAIETFGSTGKGVVHDDMECSHYMKNFDVGHVPIRLPRTKHLLNVINENFGTLAFCRRWLDRLGESK
YLMALKNLCDLGIVDPYPPLCDIKGSYTAQFEHTILLRPTCKEVVSRGDDY
;
_entity_poly.pdbx_strand_id   A
#
# COMPACT_ATOMS: atom_id res chain seq x y z
N LYS A 3 18.51 22.85 1.66
CA LYS A 3 17.34 22.94 2.53
C LYS A 3 17.22 21.68 3.42
N VAL A 4 16.88 21.85 4.71
CA VAL A 4 16.73 20.73 5.65
C VAL A 4 15.29 20.54 6.12
N GLN A 5 14.93 19.29 6.43
CA GLN A 5 13.59 18.93 6.87
C GLN A 5 13.28 19.42 8.29
N THR A 6 12.11 20.03 8.45
CA THR A 6 11.61 20.55 9.72
C THR A 6 11.02 19.43 10.60
N ASP A 7 10.67 19.77 11.84
CA ASP A 7 10.03 18.86 12.80
C ASP A 7 8.83 19.65 13.37
N PRO A 8 7.54 19.36 13.02
CA PRO A 8 7.02 18.28 12.14
C PRO A 8 7.43 18.46 10.67
N PRO A 9 7.57 17.38 9.86
CA PRO A 9 7.97 17.57 8.46
C PRO A 9 6.99 18.44 7.68
N SER A 10 7.50 19.45 6.97
CA SER A 10 6.69 20.37 6.15
C SER A 10 7.37 20.72 4.81
N VAL A 11 8.68 20.46 4.71
CA VAL A 11 9.43 20.77 3.50
C VAL A 11 9.21 19.69 2.43
N PRO A 12 8.70 20.07 1.22
CA PRO A 12 8.49 19.06 0.17
C PRO A 12 9.76 18.30 -0.19
N ILE A 13 9.62 17.01 -0.52
CA ILE A 13 10.78 16.18 -0.87
C ILE A 13 11.61 16.78 -2.04
N CYS A 14 10.94 17.31 -3.12
CA CYS A 14 11.64 17.90 -4.27
C CYS A 14 12.49 19.16 -3.90
N ASP A 15 12.19 19.82 -2.75
CA ASP A 15 12.94 20.97 -2.23
C ASP A 15 14.18 20.51 -1.46
N LEU A 16 14.16 19.28 -0.92
CA LEU A 16 15.31 18.72 -0.20
C LEU A 16 16.32 18.16 -1.19
N TYR A 17 15.88 17.91 -2.44
CA TYR A 17 16.71 17.38 -3.53
C TYR A 17 16.50 18.25 -4.78
N PRO A 18 17.05 19.50 -4.80
CA PRO A 18 16.83 20.41 -5.96
C PRO A 18 17.17 19.84 -7.35
N ASN A 19 18.27 19.05 -7.47
CA ASN A 19 18.70 18.46 -8.75
C ASN A 19 17.74 17.37 -9.24
N GLY A 20 16.72 17.08 -8.41
CA GLY A 20 15.70 16.08 -8.70
C GLY A 20 16.19 14.66 -8.68
N VAL A 21 17.28 14.38 -7.96
CA VAL A 21 17.85 13.04 -7.81
C VAL A 21 17.52 12.60 -6.37
N PHE A 22 16.69 11.59 -6.23
CA PHE A 22 16.20 11.14 -4.93
C PHE A 22 16.89 9.90 -4.39
N PRO A 23 16.95 9.76 -3.03
CA PRO A 23 17.62 8.58 -2.45
C PRO A 23 17.07 7.26 -2.96
N LYS A 24 17.98 6.32 -3.26
CA LYS A 24 17.60 4.97 -3.68
C LYS A 24 17.10 4.21 -2.47
N GLY A 25 16.25 3.23 -2.73
CA GLY A 25 15.82 2.34 -1.67
C GLY A 25 16.88 1.27 -1.49
N GLN A 26 16.52 0.13 -0.90
CA GLN A 26 17.47 -0.97 -0.68
C GLN A 26 17.67 -1.72 -2.00
N GLU A 27 18.91 -1.81 -2.47
CA GLU A 27 19.27 -2.52 -3.71
C GLU A 27 19.75 -3.92 -3.39
N CYS A 28 19.12 -4.91 -3.99
CA CYS A 28 19.41 -6.33 -3.82
C CYS A 28 19.77 -6.95 -5.14
N GLU A 29 20.69 -7.89 -5.07
CA GLU A 29 21.05 -8.73 -6.17
C GLU A 29 19.88 -9.70 -6.30
N TYR A 30 19.50 -10.07 -7.53
CA TYR A 30 18.41 -11.01 -7.73
C TYR A 30 18.68 -12.39 -7.12
N PRO A 31 17.66 -13.13 -6.64
CA PRO A 31 17.94 -14.45 -6.07
C PRO A 31 18.42 -15.43 -7.15
N PRO A 32 19.23 -16.44 -6.75
CA PRO A 32 19.69 -17.44 -7.74
C PRO A 32 18.53 -18.33 -8.18
N THR A 33 18.72 -19.08 -9.25
CA THR A 33 17.67 -19.98 -9.73
C THR A 33 17.73 -21.34 -9.02
N GLN A 34 17.08 -22.36 -9.62
CA GLN A 34 17.00 -23.70 -9.07
C GLN A 34 18.38 -24.42 -8.93
N ASP A 35 19.29 -24.39 -9.96
CA ASP A 35 20.59 -25.08 -9.79
C ASP A 35 21.64 -24.24 -9.02
N GLY A 36 21.23 -23.08 -8.52
CA GLY A 36 22.14 -22.20 -7.77
C GLY A 36 22.94 -21.31 -8.69
N ARG A 37 22.45 -21.13 -9.92
CA ARG A 37 23.14 -20.24 -10.84
C ARG A 37 22.60 -18.85 -10.68
N THR A 38 23.46 -17.96 -10.22
CA THR A 38 23.12 -16.59 -9.86
C THR A 38 22.68 -15.70 -11.00
N ALA A 39 21.92 -14.67 -10.62
CA ALA A 39 21.45 -13.63 -11.50
C ALA A 39 22.28 -12.36 -11.21
N ALA A 40 23.45 -12.54 -10.55
CA ALA A 40 24.42 -11.49 -10.21
C ALA A 40 24.96 -10.77 -11.46
N TRP A 41 25.00 -11.49 -12.60
CA TRP A 41 25.45 -10.99 -13.92
C TRP A 41 24.72 -9.70 -14.33
N ARG A 42 23.44 -9.56 -13.90
CA ARG A 42 22.57 -8.39 -14.16
C ARG A 42 23.19 -7.10 -13.65
N THR A 43 23.79 -7.13 -12.44
CA THR A 43 24.46 -5.97 -11.81
C THR A 43 25.59 -5.39 -12.68
N THR A 44 26.32 -6.26 -13.38
CA THR A 44 27.49 -5.87 -14.18
C THR A 44 27.25 -5.86 -15.70
N SER A 45 26.09 -6.36 -16.17
CA SER A 45 25.77 -6.39 -17.60
C SER A 45 25.62 -4.97 -18.15
N GLU A 46 26.39 -4.67 -19.22
CA GLU A 46 26.39 -3.36 -19.88
C GLU A 46 25.04 -3.05 -20.54
N GLU A 47 24.37 -4.09 -21.06
CA GLU A 47 23.05 -4.03 -21.69
C GLU A 47 22.00 -3.68 -20.60
N LYS A 48 22.04 -4.43 -19.47
CA LYS A 48 21.15 -4.22 -18.33
C LYS A 48 21.32 -2.83 -17.71
N LYS A 49 22.57 -2.35 -17.56
CA LYS A 49 22.87 -1.02 -17.03
C LYS A 49 22.28 0.11 -17.90
N ALA A 50 22.35 -0.06 -19.26
CA ALA A 50 21.82 0.96 -20.19
C ALA A 50 20.28 0.93 -20.16
N LEU A 51 19.70 -0.26 -20.08
CA LEU A 51 18.27 -0.43 -20.00
C LEU A 51 17.73 0.18 -18.69
N ASP A 52 18.51 0.03 -17.60
CA ASP A 52 18.21 0.58 -16.29
C ASP A 52 18.26 2.11 -16.29
N GLN A 53 19.27 2.70 -16.97
CA GLN A 53 19.43 4.15 -17.04
C GLN A 53 18.39 4.82 -17.95
N ALA A 54 17.90 4.08 -18.94
CA ALA A 54 16.86 4.55 -19.86
C ALA A 54 15.60 4.89 -19.06
N SER A 55 15.36 4.16 -17.95
CA SER A 55 14.22 4.33 -17.06
C SER A 55 14.54 5.06 -15.75
N GLU A 56 15.70 5.75 -15.67
CA GLU A 56 16.12 6.48 -14.47
C GLU A 56 15.07 7.49 -13.94
N GLU A 57 14.39 8.22 -14.85
CA GLU A 57 13.35 9.20 -14.53
C GLU A 57 12.21 8.52 -13.78
N ILE A 58 11.82 7.34 -14.22
CA ILE A 58 10.76 6.52 -13.61
C ILE A 58 11.16 6.10 -12.19
N TRP A 59 12.33 5.45 -12.03
CA TRP A 59 12.83 5.00 -10.71
C TRP A 59 12.92 6.17 -9.78
N ASN A 60 13.32 7.31 -10.34
CA ASN A 60 13.45 8.54 -9.63
C ASN A 60 12.12 9.08 -9.08
N ASP A 61 11.03 8.98 -9.86
CA ASP A 61 9.68 9.39 -9.39
C ASP A 61 9.22 8.48 -8.22
N PHE A 62 9.47 7.15 -8.31
CA PHE A 62 9.15 6.20 -7.22
C PHE A 62 9.96 6.58 -5.97
N ARG A 63 11.26 6.91 -6.14
CA ARG A 63 12.16 7.30 -5.04
C ARG A 63 11.68 8.56 -4.32
N GLU A 64 11.23 9.57 -5.06
CA GLU A 64 10.68 10.77 -4.43
C GLU A 64 9.44 10.37 -3.61
N ALA A 65 8.53 9.59 -4.23
CA ALA A 65 7.30 9.15 -3.58
C ALA A 65 7.60 8.28 -2.32
N ALA A 66 8.67 7.46 -2.36
CA ALA A 66 9.11 6.59 -1.24
C ALA A 66 9.73 7.41 -0.12
N GLU A 67 10.53 8.45 -0.46
CA GLU A 67 11.11 9.37 0.53
C GLU A 67 9.99 10.12 1.28
N ALA A 68 8.92 10.52 0.56
CA ALA A 68 7.77 11.18 1.23
C ALA A 68 7.12 10.17 2.16
N HIS A 69 6.95 8.91 1.70
CA HIS A 69 6.35 7.83 2.49
C HIS A 69 7.17 7.56 3.79
N ARG A 70 8.51 7.43 3.68
CA ARG A 70 9.40 7.20 4.84
C ARG A 70 9.25 8.31 5.87
N GLN A 71 9.35 9.57 5.43
CA GLN A 71 9.25 10.71 6.33
C GLN A 71 7.88 10.90 6.90
N VAL A 72 6.81 10.62 6.12
CA VAL A 72 5.45 10.71 6.64
C VAL A 72 5.24 9.65 7.73
N ARG A 73 5.60 8.39 7.45
CA ARG A 73 5.35 7.31 8.41
C ARG A 73 6.20 7.44 9.70
N LYS A 74 7.41 8.03 9.61
CA LYS A 74 8.28 8.23 10.79
C LYS A 74 7.61 9.27 11.70
N TYR A 75 7.05 10.32 11.12
CA TYR A 75 6.29 11.34 11.83
C TYR A 75 5.04 10.72 12.50
N VAL A 76 4.27 9.88 11.77
CA VAL A 76 3.07 9.21 12.28
C VAL A 76 3.41 8.38 13.53
N MET A 77 4.50 7.59 13.45
CA MET A 77 4.93 6.72 14.56
CA MET A 77 4.94 6.75 14.56
C MET A 77 5.25 7.50 15.84
N SER A 78 5.77 8.73 15.71
CA SER A 78 6.09 9.58 16.85
C SER A 78 4.86 10.11 17.61
N TRP A 79 3.67 10.23 16.94
CA TRP A 79 2.51 10.76 17.63
C TRP A 79 1.30 9.83 17.72
N ILE A 80 1.23 8.75 16.91
CA ILE A 80 0.06 7.88 16.91
C ILE A 80 -0.15 7.26 18.31
N LYS A 81 -1.31 7.51 18.91
CA LYS A 81 -1.56 7.04 20.28
C LYS A 81 -2.98 6.66 20.51
N PRO A 82 -3.26 5.72 21.47
CA PRO A 82 -4.67 5.46 21.80
C PRO A 82 -5.27 6.74 22.37
N GLY A 83 -6.57 6.96 22.10
CA GLY A 83 -7.27 8.17 22.51
C GLY A 83 -7.63 9.07 21.35
N MET A 84 -6.78 9.03 20.30
CA MET A 84 -6.99 9.82 19.09
C MET A 84 -8.12 9.16 18.31
N THR A 85 -8.96 9.96 17.66
CA THR A 85 -10.00 9.39 16.81
C THR A 85 -9.32 8.90 15.50
N MET A 86 -9.91 7.92 14.79
CA MET A 86 -9.40 7.47 13.48
C MET A 86 -9.37 8.63 12.46
N ILE A 87 -10.38 9.54 12.53
CA ILE A 87 -10.43 10.73 11.67
C ILE A 87 -9.20 11.62 11.89
N GLU A 88 -8.90 11.99 13.16
CA GLU A 88 -7.74 12.80 13.54
C GLU A 88 -6.44 12.19 13.00
N ILE A 89 -6.28 10.87 13.15
CA ILE A 89 -5.07 10.14 12.69
C ILE A 89 -4.91 10.28 11.17
N CYS A 90 -5.99 9.99 10.41
CA CYS A 90 -5.98 10.03 8.95
C CYS A 90 -5.75 11.43 8.41
N GLU A 91 -6.41 12.43 9.01
CA GLU A 91 -6.25 13.81 8.59
C GLU A 91 -4.87 14.36 8.87
N LYS A 92 -4.30 14.05 10.04
CA LYS A 92 -2.97 14.53 10.41
C LYS A 92 -1.89 13.89 9.51
N LEU A 93 -2.03 12.58 9.19
CA LEU A 93 -1.11 11.86 8.29
C LEU A 93 -1.22 12.44 6.85
N GLU A 94 -2.44 12.55 6.32
CA GLU A 94 -2.71 13.01 4.97
C GLU A 94 -2.27 14.47 4.74
N ASP A 95 -2.42 15.35 5.76
CA ASP A 95 -1.95 16.75 5.69
C ASP A 95 -0.43 16.78 5.45
N CYS A 96 0.33 15.96 6.20
CA CYS A 96 1.78 15.84 6.06
C CYS A 96 2.13 15.24 4.70
N SER A 97 1.42 14.18 4.31
CA SER A 97 1.62 13.50 3.03
C SER A 97 1.47 14.46 1.84
N ARG A 98 0.42 15.29 1.82
CA ARG A 98 0.15 16.28 0.76
C ARG A 98 1.28 17.31 0.67
N LYS A 99 1.80 17.74 1.84
CA LYS A 99 2.87 18.71 1.91
C LYS A 99 4.19 18.11 1.42
N LEU A 100 4.54 16.88 1.84
CA LEU A 100 5.83 16.28 1.45
C LEU A 100 5.85 15.82 0.02
N ILE A 101 4.72 15.40 -0.51
CA ILE A 101 4.68 14.98 -1.91
C ILE A 101 4.56 16.18 -2.84
N LYS A 102 4.25 17.37 -2.26
CA LYS A 102 3.95 18.61 -2.96
C LYS A 102 2.77 18.34 -3.90
N GLU A 103 1.60 18.06 -3.33
CA GLU A 103 0.36 17.75 -4.08
C GLU A 103 0.13 18.72 -5.26
N ASN A 104 -0.10 18.16 -6.44
CA ASN A 104 -0.26 18.95 -7.66
C ASN A 104 -1.11 18.15 -8.62
N GLY A 105 -2.43 18.27 -8.43
CA GLY A 105 -3.42 17.55 -9.22
C GLY A 105 -3.11 16.08 -9.33
N LEU A 106 -3.11 15.58 -10.56
CA LEU A 106 -2.81 14.19 -10.86
C LEU A 106 -1.34 13.94 -11.11
N ASN A 107 -0.48 14.96 -10.98
CA ASN A 107 0.96 14.87 -11.24
C ASN A 107 1.78 14.47 -10.01
N ALA A 108 1.24 14.76 -8.82
CA ALA A 108 1.84 14.43 -7.52
C ALA A 108 0.73 14.41 -6.49
N GLY A 109 0.74 13.42 -5.63
CA GLY A 109 -0.31 13.36 -4.62
C GLY A 109 -0.42 12.08 -3.84
N LEU A 110 -1.62 11.86 -3.34
CA LEU A 110 -1.96 10.70 -2.51
C LEU A 110 -2.53 9.67 -3.45
N ALA A 111 -1.87 8.49 -3.52
CA ALA A 111 -2.30 7.43 -4.41
C ALA A 111 -3.60 6.79 -3.97
N PHE A 112 -3.84 6.73 -2.65
CA PHE A 112 -5.04 6.12 -2.12
C PHE A 112 -5.26 6.53 -0.67
N PRO A 113 -6.53 6.40 -0.19
CA PRO A 113 -6.84 6.78 1.20
C PRO A 113 -6.04 6.04 2.25
N THR A 114 -5.86 6.68 3.41
CA THR A 114 -5.13 6.12 4.53
C THR A 114 -5.94 4.99 5.13
N GLY A 115 -5.44 3.78 5.00
CA GLY A 115 -6.07 2.64 5.65
C GLY A 115 -5.67 2.70 7.12
N CYS A 116 -6.60 2.37 8.03
CA CYS A 116 -6.23 2.33 9.45
C CYS A 116 -7.07 1.23 10.11
N SER A 117 -7.20 0.11 9.38
CA SER A 117 -8.03 -1.05 9.76
C SER A 117 -7.64 -1.62 11.09
N LEU A 118 -8.63 -1.91 11.90
CA LEU A 118 -8.46 -2.36 13.26
C LEU A 118 -8.84 -3.79 13.52
N ASN A 119 -7.99 -4.46 14.31
CA ASN A 119 -8.26 -5.76 14.89
C ASN A 119 -8.54 -6.84 13.84
N ASN A 120 -9.75 -7.41 13.79
CA ASN A 120 -10.12 -8.44 12.81
C ASN A 120 -10.16 -7.88 11.40
N CYS A 121 -10.31 -6.53 11.26
CA CYS A 121 -10.33 -5.91 9.96
C CYS A 121 -8.93 -5.67 9.49
N ALA A 122 -8.64 -6.20 8.32
CA ALA A 122 -7.30 -6.23 7.77
C ALA A 122 -6.95 -5.10 6.82
N ALA A 123 -7.92 -4.68 6.02
CA ALA A 123 -7.70 -3.70 4.98
C ALA A 123 -8.99 -2.96 4.62
N HIS A 124 -8.79 -1.78 4.03
CA HIS A 124 -9.75 -0.91 3.37
C HIS A 124 -10.80 -0.34 4.31
N TYR A 125 -10.40 -0.07 5.55
CA TYR A 125 -11.18 0.76 6.45
C TYR A 125 -10.44 2.10 6.54
N THR A 126 -11.18 3.17 6.30
CA THR A 126 -10.79 4.55 6.59
C THR A 126 -12.10 5.17 7.10
N PRO A 127 -12.10 6.01 8.14
CA PRO A 127 -13.36 6.61 8.58
C PRO A 127 -14.03 7.51 7.56
N ASN A 128 -15.36 7.45 7.50
CA ASN A 128 -16.20 8.39 6.73
C ASN A 128 -16.55 9.50 7.72
N ALA A 129 -17.07 10.65 7.24
CA ALA A 129 -17.50 11.78 8.11
C ALA A 129 -18.43 11.27 9.21
N GLY A 130 -18.29 11.80 10.42
CA GLY A 130 -19.13 11.42 11.55
C GLY A 130 -18.70 10.16 12.27
N ASP A 131 -17.63 9.49 11.80
CA ASP A 131 -17.13 8.28 12.47
C ASP A 131 -16.47 8.72 13.78
N THR A 132 -16.98 8.20 14.90
CA THR A 132 -16.47 8.54 16.23
C THR A 132 -15.47 7.53 16.79
N THR A 133 -15.06 6.51 15.98
CA THR A 133 -14.08 5.49 16.41
C THR A 133 -12.81 6.16 16.95
N VAL A 134 -12.40 5.72 18.12
CA VAL A 134 -11.22 6.18 18.85
C VAL A 134 -10.26 4.99 18.88
N LEU A 135 -8.95 5.22 18.60
CA LEU A 135 -7.93 4.17 18.71
C LEU A 135 -7.73 3.75 20.19
N GLN A 136 -7.81 2.44 20.47
CA GLN A 136 -7.66 1.88 21.82
C GLN A 136 -6.28 1.28 22.08
N TYR A 137 -5.93 1.13 23.36
CA TYR A 137 -4.67 0.57 23.80
C TYR A 137 -4.43 -0.86 23.23
N ASP A 138 -5.49 -1.68 23.20
CA ASP A 138 -5.46 -3.06 22.69
C ASP A 138 -5.66 -3.18 21.19
N ASP A 139 -5.87 -2.06 20.47
CA ASP A 139 -6.04 -2.13 19.03
C ASP A 139 -4.75 -2.52 18.27
N ILE A 140 -4.92 -3.26 17.18
CA ILE A 140 -3.86 -3.64 16.25
C ILE A 140 -4.29 -2.97 14.95
N CYS A 141 -3.65 -1.83 14.66
CA CYS A 141 -3.95 -0.91 13.58
C CYS A 141 -3.03 -1.02 12.35
N LYS A 142 -3.61 -1.30 11.18
CA LYS A 142 -2.79 -1.40 9.95
C LYS A 142 -2.79 -0.07 9.22
N ILE A 143 -1.66 0.64 9.28
CA ILE A 143 -1.51 1.93 8.62
C ILE A 143 -1.02 1.66 7.23
N ASP A 144 -1.89 1.88 6.23
CA ASP A 144 -1.57 1.62 4.84
C ASP A 144 -1.90 2.87 4.05
N PHE A 145 -0.90 3.55 3.56
CA PHE A 145 -1.13 4.79 2.80
C PHE A 145 -0.18 4.82 1.59
N GLY A 146 -0.60 5.55 0.56
CA GLY A 146 0.17 5.66 -0.67
C GLY A 146 0.40 7.07 -1.13
N THR A 147 1.57 7.27 -1.74
CA THR A 147 2.00 8.51 -2.35
C THR A 147 2.35 8.19 -3.80
N HIS A 148 2.33 9.19 -4.68
CA HIS A 148 2.76 8.99 -6.06
C HIS A 148 3.30 10.29 -6.62
N ILE A 149 4.22 10.12 -7.59
CA ILE A 149 4.79 11.16 -8.45
C ILE A 149 4.53 10.67 -9.86
N SER A 150 3.78 11.44 -10.65
CA SER A 150 3.42 11.13 -12.05
C SER A 150 2.83 9.74 -12.18
N GLY A 151 2.07 9.31 -11.15
CA GLY A 151 1.45 7.99 -11.17
C GLY A 151 2.34 6.83 -10.87
N ARG A 152 3.57 7.08 -10.39
CA ARG A 152 4.52 6.05 -9.92
C ARG A 152 4.18 5.92 -8.46
N ILE A 153 3.44 4.87 -8.15
CA ILE A 153 2.85 4.63 -6.83
C ILE A 153 3.73 3.89 -5.84
N ILE A 154 3.76 4.40 -4.61
CA ILE A 154 4.34 3.70 -3.47
C ILE A 154 3.17 3.17 -2.65
N ASP A 155 3.06 1.84 -2.57
CA ASP A 155 2.06 1.13 -1.81
C ASP A 155 2.84 0.46 -0.67
N CYS A 156 2.75 1.01 0.54
CA CYS A 156 3.60 0.61 1.64
C CYS A 156 2.83 0.74 2.97
N ALA A 157 2.94 -0.28 3.82
CA ALA A 157 2.15 -0.40 5.06
C ALA A 157 2.87 -1.07 6.18
N PHE A 158 2.44 -0.74 7.41
CA PHE A 158 2.97 -1.30 8.64
C PHE A 158 1.85 -1.41 9.65
N THR A 159 2.13 -2.08 10.76
CA THR A 159 1.15 -2.30 11.82
C THR A 159 1.56 -1.61 13.09
N VAL A 160 0.60 -0.88 13.68
CA VAL A 160 0.77 -0.11 14.90
C VAL A 160 0.10 -0.87 16.03
N THR A 161 0.80 -1.00 17.17
CA THR A 161 0.29 -1.62 18.39
C THR A 161 0.89 -0.87 19.57
N PHE A 162 0.24 -0.96 20.73
CA PHE A 162 0.69 -0.32 21.97
C PHE A 162 0.88 -1.38 23.05
N ASN A 163 0.17 -2.53 22.91
CA ASN A 163 0.22 -3.66 23.81
C ASN A 163 1.25 -4.66 23.28
N PRO A 164 2.28 -5.03 24.07
CA PRO A 164 3.28 -6.01 23.58
C PRO A 164 2.75 -7.43 23.33
N LYS A 165 1.48 -7.74 23.67
CA LYS A 165 0.95 -9.09 23.43
C LYS A 165 0.94 -9.48 21.93
N TYR A 166 0.98 -8.48 21.03
CA TYR A 166 0.96 -8.72 19.58
C TYR A 166 2.37 -8.81 18.98
N ASP A 167 3.42 -8.65 19.80
CA ASP A 167 4.81 -8.60 19.30
C ASP A 167 5.20 -9.76 18.39
N THR A 168 4.87 -10.98 18.78
CA THR A 168 5.24 -12.16 17.98
C THR A 168 4.37 -12.28 16.71
N LEU A 169 3.12 -11.75 16.74
CA LEU A 169 2.27 -11.74 15.54
C LEU A 169 2.89 -10.78 14.46
N LEU A 170 3.33 -9.57 14.89
CA LEU A 170 3.98 -8.57 14.02
C LEU A 170 5.28 -9.13 13.44
N LYS A 171 6.11 -9.80 14.30
CA LYS A 171 7.36 -10.42 13.89
C LYS A 171 7.12 -11.47 12.78
N ALA A 172 6.08 -12.30 12.92
CA ALA A 172 5.70 -13.34 11.93
C ALA A 172 5.40 -12.73 10.57
N VAL A 173 4.58 -11.68 10.56
CA VAL A 173 4.14 -10.99 9.34
C VAL A 173 5.28 -10.21 8.70
N LYS A 174 6.10 -9.54 9.51
CA LYS A 174 7.25 -8.77 9.02
C LYS A 174 8.23 -9.77 8.33
N ASP A 175 8.48 -10.91 9.02
CA ASP A 175 9.35 -11.98 8.53
C ASP A 175 8.78 -12.57 7.25
N ALA A 176 7.45 -12.83 7.20
CA ALA A 176 6.83 -13.35 5.97
C ALA A 176 6.92 -12.34 4.77
N THR A 177 6.79 -11.01 5.04
CA THR A 177 6.89 -9.97 4.00
C THR A 177 8.30 -9.88 3.52
N ASN A 178 9.28 -9.88 4.45
CA ASN A 178 10.69 -9.82 4.11
C ASN A 178 11.15 -11.02 3.28
N THR A 179 10.53 -12.18 3.53
CA THR A 179 10.77 -13.44 2.84
C THR A 179 10.27 -13.33 1.40
N GLY A 180 9.04 -12.83 1.22
CA GLY A 180 8.47 -12.60 -0.11
C GLY A 180 9.33 -11.66 -0.93
N ILE A 181 9.81 -10.58 -0.30
CA ILE A 181 10.71 -9.58 -0.91
C ILE A 181 12.04 -10.25 -1.34
N LYS A 182 12.62 -11.09 -0.47
CA LYS A 182 13.88 -11.81 -0.77
C LYS A 182 13.71 -12.81 -1.94
N CYS A 183 12.58 -13.50 -1.96
CA CYS A 183 12.29 -14.49 -2.99
CA CYS A 183 12.21 -14.51 -2.95
C CYS A 183 11.88 -13.89 -4.31
N ALA A 184 11.39 -12.62 -4.30
CA ALA A 184 10.98 -11.92 -5.53
C ALA A 184 12.16 -11.73 -6.46
N GLY A 185 11.90 -11.82 -7.77
CA GLY A 185 12.93 -11.60 -8.78
C GLY A 185 12.46 -11.74 -10.19
N ILE A 186 13.29 -11.32 -11.17
CA ILE A 186 12.94 -11.47 -12.59
C ILE A 186 12.88 -12.98 -12.90
N ASP A 187 11.81 -13.42 -13.59
CA ASP A 187 11.52 -14.82 -13.98
C ASP A 187 11.12 -15.73 -12.81
N VAL A 188 11.02 -15.21 -11.59
CA VAL A 188 10.54 -15.99 -10.45
C VAL A 188 9.01 -16.14 -10.61
N ARG A 189 8.50 -17.36 -10.43
CA ARG A 189 7.07 -17.67 -10.53
C ARG A 189 6.36 -17.05 -9.32
N LEU A 190 5.22 -16.38 -9.57
CA LEU A 190 4.43 -15.72 -8.53
C LEU A 190 4.06 -16.68 -7.38
N CYS A 191 3.66 -17.94 -7.73
CA CYS A 191 3.29 -18.95 -6.74
CA CYS A 191 3.30 -18.97 -6.76
C CYS A 191 4.47 -19.38 -5.85
N ASP A 192 5.73 -19.28 -6.34
CA ASP A 192 6.88 -19.63 -5.51
C ASP A 192 7.13 -18.59 -4.41
N VAL A 193 6.83 -17.32 -4.71
CA VAL A 193 6.92 -16.21 -3.75
C VAL A 193 5.83 -16.45 -2.68
N GLY A 194 4.62 -16.78 -3.12
CA GLY A 194 3.49 -17.08 -2.24
C GLY A 194 3.73 -18.26 -1.31
N GLU A 195 4.35 -19.32 -1.84
CA GLU A 195 4.67 -20.54 -1.08
C GLU A 195 5.72 -20.24 0.00
N ALA A 196 6.70 -19.40 -0.32
CA ALA A 196 7.77 -19.01 0.61
C ALA A 196 7.20 -18.15 1.76
N ILE A 197 6.25 -17.25 1.43
CA ILE A 197 5.54 -16.38 2.36
C ILE A 197 4.80 -17.27 3.38
N GLN A 198 3.94 -18.17 2.88
CA GLN A 198 3.13 -19.09 3.69
C GLN A 198 3.97 -19.92 4.65
N GLU A 199 5.07 -20.53 4.15
CA GLU A 199 5.96 -21.37 4.95
C GLU A 199 6.51 -20.60 6.16
N VAL A 200 7.03 -19.38 5.95
CA VAL A 200 7.56 -18.57 7.05
C VAL A 200 6.42 -18.14 8.02
N MET A 201 5.28 -17.70 7.49
CA MET A 201 4.13 -17.22 8.28
C MET A 201 3.62 -18.29 9.26
N GLU A 202 3.40 -19.51 8.75
CA GLU A 202 2.88 -20.66 9.49
C GLU A 202 3.90 -21.33 10.43
N SER A 203 5.18 -20.91 10.40
CA SER A 203 6.23 -21.44 11.29
C SER A 203 6.14 -20.75 12.64
N TYR A 204 5.30 -19.70 12.73
CA TYR A 204 5.11 -18.95 13.97
C TYR A 204 3.84 -19.38 14.71
N GLU A 205 3.96 -19.58 16.02
CA GLU A 205 2.83 -19.80 16.89
C GLU A 205 2.86 -18.63 17.86
N VAL A 206 1.71 -18.05 18.18
CA VAL A 206 1.62 -16.89 19.08
C VAL A 206 0.66 -17.16 20.24
N GLU A 207 0.89 -16.48 21.35
CA GLU A 207 0.02 -16.57 22.51
C GLU A 207 -0.49 -15.15 22.79
N ILE A 208 -1.82 -14.94 22.68
CA ILE A 208 -2.48 -13.66 22.93
C ILE A 208 -3.63 -13.91 23.90
N ASP A 209 -3.57 -13.27 25.07
CA ASP A 209 -4.53 -13.37 26.19
C ASP A 209 -4.88 -14.83 26.57
N GLY A 210 -3.86 -15.63 26.83
CA GLY A 210 -4.00 -17.02 27.26
C GLY A 210 -4.44 -18.01 26.20
N LYS A 211 -4.51 -17.57 24.94
CA LYS A 211 -4.94 -18.40 23.82
C LYS A 211 -3.80 -18.50 22.80
N THR A 212 -3.63 -19.68 22.18
CA THR A 212 -2.53 -19.90 21.24
C THR A 212 -3.03 -20.07 19.82
N TYR A 213 -2.23 -19.63 18.85
CA TYR A 213 -2.59 -19.74 17.46
C TYR A 213 -1.38 -19.99 16.63
N GLN A 214 -1.54 -20.76 15.55
CA GLN A 214 -0.51 -20.85 14.55
C GLN A 214 -0.91 -19.72 13.58
N VAL A 215 0.00 -18.78 13.30
CA VAL A 215 -0.32 -17.64 12.43
C VAL A 215 -0.76 -18.11 11.04
N LYS A 216 -1.91 -17.62 10.56
CA LYS A 216 -2.41 -17.97 9.23
C LYS A 216 -2.22 -16.79 8.26
N PRO A 217 -1.64 -16.99 7.05
CA PRO A 217 -1.63 -15.88 6.08
C PRO A 217 -3.08 -15.68 5.56
N ILE A 218 -3.51 -14.44 5.28
CA ILE A 218 -4.86 -14.21 4.74
C ILE A 218 -4.76 -14.59 3.28
N ARG A 219 -5.45 -15.68 2.89
CA ARG A 219 -5.25 -16.23 1.55
C ARG A 219 -5.92 -15.45 0.44
N ASN A 220 -6.92 -14.60 0.75
CA ASN A 220 -7.56 -13.78 -0.28
C ASN A 220 -7.06 -12.31 -0.27
N LEU A 221 -5.92 -12.04 0.40
CA LEU A 221 -5.25 -10.72 0.44
C LEU A 221 -3.85 -11.03 -0.04
N ASN A 222 -3.48 -10.44 -1.18
CA ASN A 222 -2.28 -10.80 -1.89
C ASN A 222 -1.46 -9.63 -2.39
N GLY A 223 -0.18 -9.89 -2.63
CA GLY A 223 0.72 -8.94 -3.26
C GLY A 223 0.27 -8.74 -4.69
N HIS A 224 0.77 -7.71 -5.37
CA HIS A 224 0.28 -7.44 -6.71
C HIS A 224 1.22 -6.58 -7.48
N SER A 225 1.05 -6.58 -8.81
CA SER A 225 1.82 -5.69 -9.67
C SER A 225 1.16 -4.33 -9.58
N ILE A 226 1.96 -3.29 -9.82
CA ILE A 226 1.58 -1.89 -9.80
C ILE A 226 1.89 -1.35 -11.18
N GLY A 227 0.95 -0.60 -11.75
CA GLY A 227 1.15 0.08 -13.02
C GLY A 227 0.99 1.57 -12.80
N GLN A 228 1.26 2.36 -13.85
CA GLN A 228 1.14 3.81 -13.77
C GLN A 228 -0.32 4.18 -13.55
N TYR A 229 -0.61 4.93 -12.44
CA TYR A 229 -1.95 5.33 -12.00
C TYR A 229 -2.85 4.10 -11.76
N ARG A 230 -2.22 2.94 -11.56
CA ARG A 230 -2.91 1.66 -11.37
C ARG A 230 -2.33 0.88 -10.17
N ILE A 231 -2.97 1.01 -9.00
CA ILE A 231 -2.56 0.35 -7.75
C ILE A 231 -2.39 -1.19 -7.95
N HIS A 232 -3.32 -1.83 -8.67
CA HIS A 232 -3.29 -3.26 -8.93
C HIS A 232 -3.31 -3.44 -10.44
N ALA A 233 -2.14 -3.76 -11.03
CA ALA A 233 -1.99 -3.89 -12.48
C ALA A 233 -2.38 -5.28 -13.04
N GLY A 234 -2.99 -6.15 -12.22
CA GLY A 234 -3.52 -7.43 -12.66
C GLY A 234 -2.76 -8.70 -12.32
N LYS A 235 -1.50 -8.62 -11.93
CA LYS A 235 -0.72 -9.80 -11.54
C LYS A 235 -0.75 -9.89 -10.03
N THR A 236 -1.01 -11.09 -9.48
CA THR A 236 -1.09 -11.29 -8.03
C THR A 236 -0.03 -12.24 -7.52
N VAL A 237 0.40 -12.06 -6.27
CA VAL A 237 1.34 -12.96 -5.61
C VAL A 237 0.40 -13.86 -4.75
N PRO A 238 0.03 -15.08 -5.19
CA PRO A 238 -0.95 -15.86 -4.42
C PRO A 238 -0.36 -16.67 -3.28
N ILE A 239 -1.08 -16.82 -2.16
CA ILE A 239 -0.59 -17.60 -1.01
C ILE A 239 -1.07 -19.06 -1.13
N VAL A 240 -0.16 -19.95 -1.61
CA VAL A 240 -0.42 -21.39 -1.85
C VAL A 240 0.87 -22.18 -1.58
N ALA A 245 1.86 -20.29 -12.51
CA ALA A 245 2.28 -20.23 -13.92
C ALA A 245 2.87 -18.86 -14.29
N THR A 246 2.30 -17.76 -13.75
CA THR A 246 2.72 -16.39 -14.04
C THR A 246 4.06 -16.05 -13.39
N ARG A 247 4.94 -15.41 -14.16
CA ARG A 247 6.25 -15.03 -13.69
C ARG A 247 6.38 -13.52 -13.51
N MET A 248 7.27 -13.11 -12.61
CA MET A 248 7.59 -11.70 -12.45
C MET A 248 8.52 -11.41 -13.65
N GLU A 249 8.37 -10.23 -14.24
CA GLU A 249 9.11 -9.82 -15.42
C GLU A 249 9.96 -8.59 -15.16
N GLU A 250 10.98 -8.38 -16.00
CA GLU A 250 11.89 -7.24 -15.92
C GLU A 250 11.12 -5.93 -16.08
N GLY A 251 11.49 -4.92 -15.29
CA GLY A 251 10.84 -3.61 -15.34
C GLY A 251 9.48 -3.54 -14.65
N GLU A 252 9.00 -4.66 -14.11
CA GLU A 252 7.74 -4.67 -13.38
C GLU A 252 7.96 -4.11 -11.96
N VAL A 253 6.87 -3.64 -11.33
CA VAL A 253 6.84 -3.05 -9.98
C VAL A 253 5.83 -3.85 -9.19
N TYR A 254 6.21 -4.27 -7.99
CA TYR A 254 5.33 -5.06 -7.15
C TYR A 254 5.16 -4.47 -5.78
N ALA A 255 3.96 -4.69 -5.23
CA ALA A 255 3.63 -4.42 -3.85
C ALA A 255 3.70 -5.81 -3.22
N ILE A 256 4.68 -6.03 -2.36
CA ILE A 256 4.83 -7.29 -1.66
C ILE A 256 4.20 -7.08 -0.31
N GLU A 257 3.03 -7.66 -0.11
CA GLU A 257 2.31 -7.52 1.15
C GLU A 257 1.86 -8.84 1.67
N THR A 258 1.88 -8.98 2.98
CA THR A 258 1.40 -10.19 3.65
C THR A 258 0.55 -9.75 4.83
N PHE A 259 -0.39 -10.59 5.18
CA PHE A 259 -1.28 -10.39 6.30
C PHE A 259 -1.33 -11.71 7.04
N GLY A 260 -1.10 -11.62 8.34
CA GLY A 260 -1.15 -12.73 9.28
C GLY A 260 -2.39 -12.53 10.12
N SER A 261 -3.05 -13.64 10.46
CA SER A 261 -4.27 -13.62 11.21
C SER A 261 -4.36 -14.75 12.23
N THR A 262 -5.08 -14.48 13.34
CA THR A 262 -5.40 -15.46 14.38
C THR A 262 -6.81 -16.01 14.11
N GLY A 263 -7.45 -15.57 13.04
CA GLY A 263 -8.80 -16.04 12.71
C GLY A 263 -8.81 -17.18 11.73
N LYS A 264 -9.75 -17.10 10.79
CA LYS A 264 -9.95 -18.05 9.71
C LYS A 264 -8.87 -17.97 8.64
N GLY A 265 -8.25 -16.79 8.48
CA GLY A 265 -7.26 -16.57 7.43
C GLY A 265 -7.93 -16.29 6.10
N VAL A 266 -9.19 -15.84 6.15
CA VAL A 266 -10.03 -15.44 5.01
C VAL A 266 -10.78 -14.15 5.44
N VAL A 267 -10.76 -13.13 4.60
CA VAL A 267 -11.50 -11.89 4.85
C VAL A 267 -12.82 -11.90 4.08
N HIS A 268 -13.80 -11.17 4.59
CA HIS A 268 -15.11 -11.00 3.97
C HIS A 268 -15.44 -9.50 4.02
N ASP A 269 -16.31 -9.01 3.12
CA ASP A 269 -16.74 -7.60 3.09
C ASP A 269 -17.52 -7.29 4.36
N ASP A 270 -17.08 -6.29 5.13
CA ASP A 270 -17.78 -5.93 6.35
C ASP A 270 -17.77 -4.44 6.58
N MET A 271 -18.69 -3.91 7.41
CA MET A 271 -18.83 -2.48 7.76
C MET A 271 -19.24 -1.61 6.55
N GLU A 272 -19.34 -0.28 6.74
CA GLU A 272 -19.70 0.54 5.61
C GLU A 272 -18.48 0.85 4.71
N CYS A 273 -18.75 0.99 3.42
CA CYS A 273 -17.73 1.32 2.45
C CYS A 273 -17.20 2.74 2.58
N SER A 274 -15.90 2.89 2.44
CA SER A 274 -15.27 4.23 2.47
C SER A 274 -14.40 4.41 1.24
N HIS A 275 -13.84 3.31 0.70
CA HIS A 275 -12.90 3.33 -0.43
C HIS A 275 -13.59 3.09 -1.75
N TYR A 276 -13.16 3.85 -2.79
CA TYR A 276 -13.72 3.76 -4.12
C TYR A 276 -12.64 4.07 -5.11
N MET A 277 -12.82 3.55 -6.32
CA MET A 277 -11.88 3.77 -7.39
C MET A 277 -12.54 3.48 -8.72
N LYS A 278 -12.34 4.38 -9.69
CA LYS A 278 -12.86 4.20 -11.04
CA LYS A 278 -12.85 4.23 -11.04
C LYS A 278 -12.28 2.94 -11.63
N ASN A 279 -13.10 2.17 -12.36
CA ASN A 279 -12.64 0.94 -13.03
C ASN A 279 -11.63 1.45 -14.08
N PHE A 280 -10.37 0.97 -14.01
CA PHE A 280 -9.27 1.39 -14.88
C PHE A 280 -9.60 1.25 -16.37
N ASP A 281 -10.33 0.18 -16.73
CA ASP A 281 -10.67 -0.15 -18.12
C ASP A 281 -11.89 0.58 -18.69
N VAL A 282 -12.70 1.24 -17.85
CA VAL A 282 -13.90 1.95 -18.32
C VAL A 282 -13.50 3.24 -19.07
N GLY A 283 -13.98 3.34 -20.31
CA GLY A 283 -13.74 4.50 -21.16
C GLY A 283 -14.75 5.58 -20.83
N HIS A 284 -14.81 6.66 -21.65
CA HIS A 284 -15.77 7.74 -21.40
C HIS A 284 -17.20 7.22 -21.45
N VAL A 285 -18.01 7.59 -20.43
CA VAL A 285 -19.42 7.21 -20.33
C VAL A 285 -20.27 8.50 -20.29
N PRO A 286 -21.14 8.76 -21.30
CA PRO A 286 -21.97 9.99 -21.23
C PRO A 286 -23.04 9.86 -20.14
N ILE A 287 -23.16 10.88 -19.27
CA ILE A 287 -24.15 10.89 -18.19
C ILE A 287 -24.91 12.20 -18.23
N ARG A 288 -26.26 12.10 -18.22
CA ARG A 288 -27.14 13.26 -18.18
C ARG A 288 -27.59 13.60 -16.75
N LEU A 289 -27.82 12.57 -15.86
CA LEU A 289 -28.24 12.76 -14.46
C LEU A 289 -27.32 13.81 -13.81
N PRO A 290 -27.86 14.99 -13.43
CA PRO A 290 -26.99 16.11 -13.05
C PRO A 290 -26.00 15.86 -11.93
N ARG A 291 -26.42 15.25 -10.81
CA ARG A 291 -25.56 15.02 -9.66
C ARG A 291 -24.53 13.91 -9.92
N THR A 292 -24.92 12.91 -10.71
CA THR A 292 -24.09 11.76 -11.12
C THR A 292 -23.02 12.27 -12.08
N LYS A 293 -23.42 13.13 -13.03
CA LYS A 293 -22.50 13.73 -14.01
C LYS A 293 -21.47 14.59 -13.29
N HIS A 294 -21.94 15.45 -12.37
CA HIS A 294 -21.08 16.34 -11.62
C HIS A 294 -20.06 15.53 -10.79
N LEU A 295 -20.54 14.47 -10.10
CA LEU A 295 -19.66 13.63 -9.29
C LEU A 295 -18.59 12.95 -10.12
N LEU A 296 -18.96 12.38 -11.27
CA LEU A 296 -17.97 11.72 -12.12
C LEU A 296 -16.91 12.74 -12.62
N ASN A 297 -17.33 13.99 -12.89
CA ASN A 297 -16.41 15.05 -13.32
C ASN A 297 -15.44 15.39 -12.19
N VAL A 298 -15.93 15.41 -10.95
CA VAL A 298 -15.11 15.64 -9.75
C VAL A 298 -14.06 14.50 -9.64
N ILE A 299 -14.49 13.24 -9.80
CA ILE A 299 -13.63 12.04 -9.72
C ILE A 299 -12.55 12.06 -10.82
N ASN A 300 -12.95 12.27 -12.07
CA ASN A 300 -12.05 12.39 -13.24
C ASN A 300 -10.99 13.49 -13.08
N GLU A 301 -11.39 14.64 -12.56
CA GLU A 301 -10.49 15.79 -12.42
C GLU A 301 -9.50 15.63 -11.28
N ASN A 302 -9.96 15.09 -10.14
CA ASN A 302 -9.18 15.00 -8.91
C ASN A 302 -8.48 13.67 -8.69
N PHE A 303 -9.07 12.57 -9.17
CA PHE A 303 -8.52 11.23 -8.89
C PHE A 303 -8.14 10.43 -10.13
N GLY A 304 -8.88 10.62 -11.23
CA GLY A 304 -8.69 9.82 -12.43
C GLY A 304 -8.90 8.35 -12.08
N THR A 305 -7.86 7.52 -12.31
CA THR A 305 -7.91 6.07 -11.98
C THR A 305 -7.35 5.78 -10.58
N LEU A 306 -6.90 6.82 -9.84
CA LEU A 306 -6.42 6.62 -8.47
C LEU A 306 -7.60 6.51 -7.51
N ALA A 307 -7.40 5.80 -6.41
CA ALA A 307 -8.42 5.59 -5.40
C ALA A 307 -8.74 6.87 -4.63
N PHE A 308 -9.93 6.87 -4.03
CA PHE A 308 -10.38 7.99 -3.21
C PHE A 308 -11.31 7.44 -2.13
N CYS A 309 -11.69 8.30 -1.21
CA CYS A 309 -12.65 7.97 -0.15
C CYS A 309 -13.67 9.08 -0.04
N ARG A 310 -14.73 8.84 0.73
CA ARG A 310 -15.77 9.83 0.89
C ARG A 310 -15.26 11.12 1.55
N ARG A 311 -14.32 11.01 2.52
CA ARG A 311 -13.74 12.20 3.18
C ARG A 311 -13.08 13.12 2.19
N TRP A 312 -12.45 12.53 1.15
CA TRP A 312 -11.80 13.28 0.07
C TRP A 312 -12.80 13.95 -0.84
N LEU A 313 -14.06 13.48 -0.85
CA LEU A 313 -15.13 14.16 -1.60
C LEU A 313 -15.65 15.31 -0.75
N ASP A 314 -15.84 15.08 0.59
CA ASP A 314 -16.28 16.11 1.57
C ASP A 314 -15.33 17.31 1.55
N ARG A 315 -14.01 17.05 1.59
CA ARG A 315 -13.02 18.13 1.61
C ARG A 315 -13.03 18.97 0.31
N LEU A 316 -13.57 18.43 -0.80
CA LEU A 316 -13.67 19.17 -2.07
C LEU A 316 -14.95 20.02 -2.10
N GLY A 317 -15.70 19.99 -1.00
CA GLY A 317 -16.93 20.74 -0.84
C GLY A 317 -18.13 20.02 -1.39
N GLU A 318 -17.98 18.74 -1.72
CA GLU A 318 -19.09 17.95 -2.25
C GLU A 318 -20.01 17.48 -1.17
N SER A 319 -21.31 17.51 -1.44
CA SER A 319 -22.35 17.00 -0.54
C SER A 319 -23.50 16.40 -1.37
N LYS A 320 -24.36 15.59 -0.73
CA LYS A 320 -25.49 14.89 -1.35
C LYS A 320 -24.99 14.13 -2.57
N TYR A 321 -23.90 13.37 -2.38
CA TYR A 321 -23.29 12.62 -3.48
C TYR A 321 -23.48 11.13 -3.31
N LEU A 322 -24.09 10.68 -2.22
CA LEU A 322 -24.21 9.22 -1.98
C LEU A 322 -25.00 8.47 -3.02
N MET A 323 -26.13 9.04 -3.47
CA MET A 323 -26.95 8.44 -4.53
C MET A 323 -26.17 8.48 -5.84
N ALA A 324 -25.50 9.61 -6.11
CA ALA A 324 -24.66 9.82 -7.29
C ALA A 324 -23.49 8.78 -7.32
N LEU A 325 -22.90 8.49 -6.16
CA LEU A 325 -21.80 7.54 -6.03
C LEU A 325 -22.32 6.09 -6.18
N LYS A 326 -23.50 5.82 -5.57
CA LYS A 326 -24.14 4.52 -5.76
C LYS A 326 -24.45 4.31 -7.26
N ASN A 327 -24.96 5.35 -7.98
CA ASN A 327 -25.21 5.27 -9.44
C ASN A 327 -23.94 4.93 -10.21
N LEU A 328 -22.78 5.56 -9.87
CA LEU A 328 -21.51 5.28 -10.56
C LEU A 328 -21.06 3.84 -10.34
N CYS A 329 -21.23 3.32 -9.12
CA CYS A 329 -20.93 1.93 -8.75
C CYS A 329 -21.89 0.97 -9.47
N ASP A 330 -23.22 1.25 -9.46
CA ASP A 330 -24.21 0.41 -10.17
C ASP A 330 -23.92 0.30 -11.65
N LEU A 331 -23.47 1.41 -12.27
CA LEU A 331 -23.08 1.47 -13.69
C LEU A 331 -21.74 0.79 -13.98
N GLY A 332 -20.99 0.40 -12.94
CA GLY A 332 -19.68 -0.20 -13.10
C GLY A 332 -18.58 0.76 -13.50
N ILE A 333 -18.81 2.08 -13.34
CA ILE A 333 -17.80 3.11 -13.67
C ILE A 333 -16.81 3.21 -12.50
N VAL A 334 -17.34 3.19 -11.27
CA VAL A 334 -16.55 3.24 -10.04
C VAL A 334 -16.79 1.90 -9.35
N ASP A 335 -15.79 1.38 -8.65
CA ASP A 335 -16.02 0.17 -7.87
C ASP A 335 -15.89 0.52 -6.39
N PRO A 336 -16.78 0.00 -5.52
CA PRO A 336 -16.57 0.19 -4.08
C PRO A 336 -15.54 -0.86 -3.61
N TYR A 337 -14.71 -0.53 -2.61
CA TYR A 337 -13.72 -1.44 -2.02
C TYR A 337 -13.99 -1.43 -0.51
N PRO A 338 -15.01 -2.20 -0.05
CA PRO A 338 -15.33 -2.17 1.39
C PRO A 338 -14.25 -2.73 2.31
N PRO A 339 -14.36 -2.46 3.64
CA PRO A 339 -13.38 -3.05 4.56
C PRO A 339 -13.45 -4.57 4.49
N LEU A 340 -12.26 -5.18 4.56
CA LEU A 340 -12.08 -6.62 4.47
C LEU A 340 -11.67 -7.12 5.84
N CYS A 341 -12.57 -7.93 6.43
CA CYS A 341 -12.45 -8.38 7.80
C CYS A 341 -12.46 -9.89 7.95
N ASP A 342 -11.64 -10.38 8.88
CA ASP A 342 -11.62 -11.78 9.27
C ASP A 342 -12.70 -11.87 10.39
N ILE A 343 -12.91 -13.06 10.98
CA ILE A 343 -13.91 -13.35 12.02
C ILE A 343 -13.79 -12.43 13.22
N LYS A 344 -14.92 -12.13 13.87
CA LYS A 344 -14.98 -11.31 15.07
C LYS A 344 -14.06 -11.93 16.11
N GLY A 345 -13.35 -11.07 16.84
CA GLY A 345 -12.40 -11.51 17.85
C GLY A 345 -11.02 -11.90 17.35
N SER A 346 -10.81 -11.95 16.02
CA SER A 346 -9.49 -12.29 15.47
C SER A 346 -8.57 -11.05 15.41
N TYR A 347 -7.27 -11.30 15.23
CA TYR A 347 -6.26 -10.23 15.14
C TYR A 347 -5.51 -10.38 13.84
N THR A 348 -5.35 -9.27 13.13
CA THR A 348 -4.66 -9.25 11.83
C THR A 348 -3.56 -8.21 11.84
N ALA A 349 -2.44 -8.51 11.18
CA ALA A 349 -1.28 -7.63 11.08
C ALA A 349 -0.87 -7.58 9.62
N GLN A 350 -0.21 -6.50 9.21
CA GLN A 350 0.22 -6.36 7.83
C GLN A 350 1.52 -5.61 7.73
N PHE A 351 2.37 -6.04 6.79
CA PHE A 351 3.56 -5.33 6.37
C PHE A 351 3.62 -5.36 4.88
N GLU A 352 3.97 -4.21 4.27
CA GLU A 352 4.01 -4.09 2.82
C GLU A 352 5.11 -3.18 2.34
N HIS A 353 5.77 -3.59 1.25
CA HIS A 353 6.74 -2.73 0.55
C HIS A 353 6.49 -2.71 -0.93
N THR A 354 6.95 -1.62 -1.59
CA THR A 354 6.94 -1.51 -3.04
C THR A 354 8.36 -1.87 -3.52
N ILE A 355 8.47 -2.78 -4.50
CA ILE A 355 9.75 -3.22 -5.08
C ILE A 355 9.77 -2.96 -6.58
N LEU A 356 10.91 -2.50 -7.08
CA LEU A 356 11.17 -2.22 -8.50
C LEU A 356 12.04 -3.35 -9.03
N LEU A 357 11.57 -4.05 -10.04
CA LEU A 357 12.37 -5.10 -10.67
C LEU A 357 13.21 -4.44 -11.76
N ARG A 358 14.23 -3.67 -11.35
CA ARG A 358 15.08 -2.97 -12.31
C ARG A 358 15.95 -3.98 -13.10
N PRO A 359 16.38 -3.66 -14.34
CA PRO A 359 17.17 -4.65 -15.11
C PRO A 359 18.45 -5.14 -14.40
N THR A 360 19.11 -4.26 -13.62
CA THR A 360 20.36 -4.58 -12.93
C THR A 360 20.19 -5.20 -11.54
N CYS A 361 19.10 -4.82 -10.80
CA CYS A 361 18.88 -5.28 -9.42
C CYS A 361 17.42 -5.12 -8.99
N LYS A 362 17.11 -5.65 -7.80
CA LYS A 362 15.80 -5.54 -7.17
C LYS A 362 15.94 -4.40 -6.18
N GLU A 363 15.05 -3.42 -6.26
CA GLU A 363 15.13 -2.29 -5.34
C GLU A 363 13.87 -2.22 -4.49
N VAL A 364 14.04 -2.35 -3.17
CA VAL A 364 12.97 -2.20 -2.18
C VAL A 364 12.96 -0.70 -1.94
N VAL A 365 12.33 0.02 -2.88
CA VAL A 365 12.33 1.49 -2.94
C VAL A 365 11.73 2.14 -1.68
N SER A 366 10.77 1.47 -1.04
CA SER A 366 10.09 1.98 0.19
C SER A 366 10.72 1.50 1.51
N ARG A 367 11.81 0.71 1.45
CA ARG A 367 12.54 0.29 2.64
C ARG A 367 13.00 1.51 3.43
N GLY A 368 12.86 1.41 4.76
CA GLY A 368 13.32 2.45 5.67
C GLY A 368 14.21 1.86 6.74
N ASP A 369 14.61 2.66 7.74
CA ASP A 369 15.39 2.12 8.87
C ASP A 369 14.40 1.57 9.92
N ASP A 370 13.10 1.75 9.64
CA ASP A 370 12.00 1.33 10.49
C ASP A 370 11.54 -0.11 10.14
N TYR A 371 11.28 -0.39 8.86
CA TYR A 371 10.87 -1.72 8.36
C TYR A 371 11.17 -1.78 6.86
#